data_7QVL
#
_entry.id   7QVL
#
_cell.length_a   106.330
_cell.length_b   52.390
_cell.length_c   85.990
_cell.angle_alpha   90.000
_cell.angle_beta   93.010
_cell.angle_gamma   90.000
#
_symmetry.space_group_name_H-M   'C 1 2 1'
#
loop_
_entity.id
_entity.type
_entity.pdbx_description
1 polymer 'Estrogen receptor'
2 non-polymer '(2~{R})-3-[(1~{R},3~{R})-1-[5-fluoranyl-2-[2-(3-fluoranylpropylamino)ethoxy]-3-methyl-pyridin-4-yl]-3-methyl-1,3,4,9-tetrahydropyrido[3,4-b]indol-2-yl]-2-methyl-propanoic acid'
3 water water
#
_entity_poly.entity_id   1
_entity_poly.type   'polypeptide(L)'
_entity_poly.pdbx_seq_one_letter_code
;GSHMALSLTADQMVSALLDAEPPILYSEYDPTRPFSEASMMGLLTNLADRELVHMINWAKRVPGFVDLTLHDQVHLLESA
WLEILMIGLVWRSMEHPGKLLFAPNLLLDRNQGKSVEGMVEIFDMLLATSSRFRMMNLQGEEFVCLKSIILLNSGVYTFL
SSTLKSLEEKDHIHRVLDKITDTLIHLMAKAGLTLQQQHQRLAQLLLILSHIRHMSNKGMEHLYSMKSKNVVPSYDLLLE
MLDAHRLHAPTS
;
_entity_poly.pdbx_strand_id   A,B
#
loop_
_chem_comp.id
_chem_comp.type
_chem_comp.name
_chem_comp.formula
GZI non-polymer '(2~{R})-3-[(1~{R},3~{R})-1-[5-fluoranyl-2-[2-(3-fluoranylpropylamino)ethoxy]-3-methyl-pyridin-4-yl]-3-methyl-1,3,4,9-tetrahydropyrido[3,4-b]indol-2-yl]-2-methyl-propanoic acid' 'C27 H34 F2 N4 O3'
#
# COMPACT_ATOMS: atom_id res chain seq x y z
N GLY A 1 32.92 -0.37 16.84
CA GLY A 1 32.25 0.87 16.50
C GLY A 1 30.79 0.70 16.08
N SER A 2 30.11 1.80 15.80
CA SER A 2 28.71 1.79 15.36
C SER A 2 28.55 2.54 14.05
N HIS A 3 27.93 1.86 13.06
CA HIS A 3 27.64 2.40 11.73
C HIS A 3 26.30 3.13 11.78
N MET A 4 26.27 4.43 11.42
CA MET A 4 25.00 5.14 11.35
C MET A 4 24.35 4.77 10.00
N ALA A 5 23.04 4.51 10.01
CA ALA A 5 22.22 4.08 8.86
C ALA A 5 22.53 4.76 7.51
N LEU A 6 22.65 6.10 7.51
CA LEU A 6 22.85 6.91 6.31
C LEU A 6 24.27 6.89 5.74
N SER A 7 25.23 6.32 6.49
CA SER A 7 26.61 6.24 6.03
C SER A 7 26.95 4.94 5.32
N LEU A 8 26.06 3.92 5.43
CA LEU A 8 26.25 2.60 4.80
C LEU A 8 26.28 2.67 3.28
N THR A 9 27.13 1.87 2.63
CA THR A 9 27.13 1.77 1.16
C THR A 9 25.97 0.81 0.82
N ALA A 10 25.61 0.69 -0.46
CA ALA A 10 24.56 -0.24 -0.89
C ALA A 10 24.93 -1.68 -0.54
N ASP A 11 26.19 -2.10 -0.79
CA ASP A 11 26.72 -3.43 -0.46
C ASP A 11 26.62 -3.73 1.03
N GLN A 12 26.97 -2.73 1.87
CA GLN A 12 26.89 -2.80 3.34
C GLN A 12 25.45 -2.90 3.81
N MET A 13 24.52 -2.13 3.18
CA MET A 13 23.08 -2.18 3.53
C MET A 13 22.56 -3.60 3.31
N VAL A 14 22.82 -4.18 2.11
CA VAL A 14 22.42 -5.54 1.71
C VAL A 14 22.98 -6.56 2.72
N SER A 15 24.30 -6.44 3.03
CA SER A 15 25.00 -7.31 3.97
C SER A 15 24.36 -7.29 5.35
N ALA A 16 24.08 -6.08 5.89
CA ALA A 16 23.42 -5.91 7.18
C ALA A 16 22.01 -6.51 7.17
N LEU A 17 21.26 -6.34 6.06
CA LEU A 17 19.91 -6.88 5.96
C LEU A 17 19.90 -8.40 5.88
N LEU A 18 20.77 -8.99 5.04
CA LEU A 18 20.92 -10.45 4.91
C LEU A 18 21.33 -11.08 6.24
N ASP A 19 22.22 -10.40 6.99
CA ASP A 19 22.73 -10.85 8.29
C ASP A 19 21.65 -10.87 9.37
N ALA A 20 20.70 -9.92 9.31
CA ALA A 20 19.62 -9.75 10.27
C ALA A 20 18.44 -10.73 10.04
N GLU A 21 18.48 -11.48 8.92
CA GLU A 21 17.43 -12.41 8.55
C GLU A 21 17.04 -13.41 9.65
N PRO A 22 15.73 -13.51 9.96
CA PRO A 22 15.31 -14.48 11.00
C PRO A 22 15.43 -15.93 10.52
N PRO A 23 15.50 -16.91 11.44
CA PRO A 23 15.56 -18.31 10.99
C PRO A 23 14.23 -18.83 10.48
N ILE A 24 14.26 -19.93 9.73
CA ILE A 24 13.06 -20.63 9.27
C ILE A 24 12.64 -21.57 10.43
N LEU A 25 11.41 -21.40 10.92
CA LEU A 25 10.90 -22.17 12.05
C LEU A 25 10.07 -23.34 11.58
N TYR A 26 9.90 -24.36 12.45
CA TYR A 26 9.04 -25.50 12.16
C TYR A 26 7.73 -25.36 12.90
N SER A 27 6.66 -26.00 12.38
CA SER A 27 5.37 -26.01 13.04
C SER A 27 5.53 -26.99 14.20
N GLU A 28 5.05 -26.61 15.38
CA GLU A 28 5.18 -27.43 16.56
C GLU A 28 4.06 -28.43 16.74
N TYR A 29 4.15 -29.54 16.04
CA TYR A 29 3.17 -30.59 16.13
C TYR A 29 3.85 -31.93 15.90
N SER A 39 -7.12 -27.37 14.87
CA SER A 39 -5.73 -27.75 14.82
C SER A 39 -4.98 -26.81 13.88
N MET A 40 -5.58 -26.54 12.72
CA MET A 40 -4.97 -25.64 11.75
C MET A 40 -4.83 -24.23 12.31
N MET A 41 -5.91 -23.71 12.87
CA MET A 41 -5.87 -22.37 13.47
C MET A 41 -4.78 -22.30 14.54
N GLY A 42 -4.75 -23.31 15.41
CA GLY A 42 -3.76 -23.45 16.47
C GLY A 42 -2.34 -23.48 15.95
N LEU A 43 -2.10 -24.26 14.88
CA LEU A 43 -0.77 -24.33 14.27
C LEU A 43 -0.37 -22.97 13.67
N LEU A 44 -1.30 -22.29 12.97
CA LEU A 44 -1.01 -20.99 12.35
C LEU A 44 -0.81 -19.86 13.37
N THR A 45 -1.56 -19.91 14.49
CA THR A 45 -1.43 -18.95 15.59
C THR A 45 -0.08 -19.14 16.29
N ASN A 46 0.22 -20.39 16.70
CA ASN A 46 1.47 -20.74 17.41
C ASN A 46 2.67 -20.36 16.60
N LEU A 47 2.67 -20.71 15.29
CA LEU A 47 3.77 -20.34 14.39
C LEU A 47 3.97 -18.82 14.29
N ALA A 48 2.87 -18.04 14.10
CA ALA A 48 2.95 -16.56 14.02
C ALA A 48 3.53 -15.98 15.31
N ASP A 49 3.10 -16.54 16.49
CA ASP A 49 3.60 -16.10 17.79
C ASP A 49 5.10 -16.32 17.94
N ARG A 50 5.61 -17.46 17.44
CA ARG A 50 7.03 -17.78 17.54
C ARG A 50 7.84 -16.92 16.58
N GLU A 51 7.30 -16.68 15.39
CA GLU A 51 7.92 -15.79 14.39
C GLU A 51 7.98 -14.32 14.88
N LEU A 52 6.98 -13.87 15.70
CA LEU A 52 6.96 -12.50 16.23
C LEU A 52 8.18 -12.20 17.10
N VAL A 53 8.57 -13.16 17.95
CA VAL A 53 9.73 -13.01 18.83
C VAL A 53 10.99 -12.72 17.99
N HIS A 54 11.19 -13.49 16.92
CA HIS A 54 12.32 -13.34 16.00
C HIS A 54 12.25 -12.04 15.22
N MET A 55 11.00 -11.58 14.95
CA MET A 55 10.76 -10.32 14.23
C MET A 55 11.27 -9.12 15.03
N ILE A 56 11.16 -9.17 16.39
CA ILE A 56 11.65 -8.11 17.30
C ILE A 56 13.14 -7.94 17.12
N ASN A 57 13.87 -9.08 17.17
CA ASN A 57 15.33 -9.08 17.04
C ASN A 57 15.78 -8.65 15.67
N TRP A 58 15.00 -8.99 14.62
CA TRP A 58 15.26 -8.57 13.25
C TRP A 58 15.08 -7.05 13.14
N ALA A 59 13.93 -6.51 13.67
CA ALA A 59 13.60 -5.08 13.57
C ALA A 59 14.68 -4.22 14.19
N LYS A 60 15.23 -4.66 15.36
CA LYS A 60 16.29 -3.96 16.08
C LYS A 60 17.59 -3.90 15.27
N ARG A 61 17.73 -4.79 14.26
CA ARG A 61 18.90 -4.89 13.40
C ARG A 61 18.69 -4.21 12.03
N VAL A 62 17.49 -3.67 11.77
CA VAL A 62 17.21 -2.93 10.51
C VAL A 62 17.87 -1.56 10.68
N PRO A 63 18.88 -1.20 9.83
CA PRO A 63 19.56 0.08 9.99
C PRO A 63 18.60 1.27 10.11
N GLY A 64 18.82 2.07 11.15
CA GLY A 64 18.01 3.26 11.42
C GLY A 64 16.85 3.05 12.38
N PHE A 65 16.46 1.78 12.61
CA PHE A 65 15.35 1.45 13.52
C PHE A 65 15.63 1.81 14.97
N VAL A 66 16.84 1.52 15.49
CA VAL A 66 17.21 1.85 16.89
C VAL A 66 17.46 3.36 17.08
N ASP A 67 17.54 4.13 15.98
CA ASP A 67 17.72 5.58 16.04
C ASP A 67 16.40 6.26 16.46
N LEU A 68 15.29 5.52 16.32
CA LEU A 68 13.94 5.96 16.66
C LEU A 68 13.63 5.76 18.14
N THR A 69 12.70 6.58 18.68
CA THR A 69 12.27 6.48 20.08
C THR A 69 11.55 5.15 20.25
N LEU A 70 11.54 4.60 21.47
CA LEU A 70 10.86 3.33 21.78
C LEU A 70 9.40 3.36 21.30
N HIS A 71 8.69 4.48 21.58
CA HIS A 71 7.31 4.73 21.17
C HIS A 71 7.15 4.62 19.64
N ASP A 72 8.05 5.27 18.85
CA ASP A 72 7.99 5.21 17.38
C ASP A 72 8.26 3.82 16.84
N GLN A 73 9.18 3.08 17.50
CA GLN A 73 9.51 1.71 17.13
C GLN A 73 8.27 0.81 17.30
N VAL A 74 7.53 1.00 18.41
CA VAL A 74 6.32 0.22 18.71
C VAL A 74 5.26 0.49 17.64
N HIS A 75 5.01 1.79 17.33
CA HIS A 75 4.01 2.19 16.33
C HIS A 75 4.32 1.52 14.99
N LEU A 76 5.60 1.54 14.58
CA LEU A 76 6.00 0.91 13.30
C LEU A 76 5.75 -0.61 13.32
N LEU A 77 6.11 -1.31 14.42
CA LEU A 77 5.86 -2.76 14.51
C LEU A 77 4.39 -3.11 14.63
N GLU A 78 3.60 -2.28 15.34
CA GLU A 78 2.16 -2.50 15.48
C GLU A 78 1.48 -2.41 14.11
N SER A 79 1.91 -1.47 13.26
CA SER A 79 1.33 -1.31 11.94
C SER A 79 1.83 -2.40 10.99
N ALA A 80 3.12 -2.76 11.06
CA ALA A 80 3.70 -3.66 10.05
C ALA A 80 3.78 -5.18 10.34
N TRP A 81 3.58 -5.65 11.59
CA TRP A 81 3.84 -7.07 11.95
C TRP A 81 3.20 -8.11 10.99
N LEU A 82 1.93 -7.91 10.61
CA LEU A 82 1.28 -8.87 9.72
C LEU A 82 1.79 -8.77 8.31
N GLU A 83 2.04 -7.53 7.80
CA GLU A 83 2.62 -7.41 6.45
C GLU A 83 3.99 -8.13 6.40
N ILE A 84 4.80 -8.04 7.48
CA ILE A 84 6.12 -8.69 7.59
C ILE A 84 6.02 -10.23 7.62
N LEU A 85 5.12 -10.77 8.44
CA LEU A 85 4.89 -12.22 8.43
C LEU A 85 4.45 -12.66 7.04
N MET A 86 3.52 -11.90 6.42
CA MET A 86 2.99 -12.26 5.09
C MET A 86 4.05 -12.19 3.99
N ILE A 87 4.91 -11.16 3.97
CA ILE A 87 5.94 -11.07 2.90
C ILE A 87 6.95 -12.23 3.06
N GLY A 88 7.30 -12.57 4.30
CA GLY A 88 8.17 -13.70 4.59
C GLY A 88 7.55 -14.98 4.05
N LEU A 89 6.25 -15.17 4.33
CA LEU A 89 5.49 -16.35 3.87
C LEU A 89 5.46 -16.45 2.36
N VAL A 90 5.12 -15.33 1.69
CA VAL A 90 5.00 -15.31 0.23
C VAL A 90 6.36 -15.56 -0.47
N TRP A 91 7.45 -15.07 0.14
CA TRP A 91 8.79 -15.27 -0.36
C TRP A 91 9.18 -16.76 -0.37
N ARG A 92 8.98 -17.45 0.76
CA ARG A 92 9.36 -18.84 0.88
C ARG A 92 8.39 -19.80 0.19
N SER A 93 7.21 -19.32 -0.24
CA SER A 93 6.21 -20.14 -0.94
C SER A 93 6.37 -20.05 -2.47
N MET A 94 7.27 -19.17 -2.93
CA MET A 94 7.55 -18.91 -4.36
C MET A 94 7.73 -20.16 -5.23
N GLU A 95 8.56 -21.13 -4.79
CA GLU A 95 8.81 -22.35 -5.56
C GLU A 95 7.74 -23.43 -5.36
N HIS A 96 6.64 -23.12 -4.66
CA HIS A 96 5.54 -24.07 -4.39
C HIS A 96 4.19 -23.57 -4.98
N PRO A 97 3.99 -23.56 -6.33
CA PRO A 97 2.72 -23.08 -6.89
C PRO A 97 1.48 -23.74 -6.30
N GLY A 98 0.50 -22.93 -5.92
CA GLY A 98 -0.77 -23.38 -5.33
C GLY A 98 -0.68 -23.77 -3.86
N LYS A 99 0.50 -23.55 -3.23
CA LYS A 99 0.73 -23.92 -1.83
C LYS A 99 1.41 -22.81 -1.06
N LEU A 100 1.19 -22.81 0.27
CA LEU A 100 1.80 -21.84 1.19
C LEU A 100 2.72 -22.60 2.11
N LEU A 101 4.01 -22.26 2.05
CA LEU A 101 5.05 -22.90 2.86
C LEU A 101 5.16 -22.20 4.19
N PHE A 102 4.21 -22.47 5.09
CA PHE A 102 4.23 -21.87 6.43
C PHE A 102 5.46 -22.31 7.20
N ALA A 103 5.83 -23.58 7.06
CA ALA A 103 7.02 -24.18 7.67
C ALA A 103 7.39 -25.35 6.79
N PRO A 104 8.63 -25.92 6.86
CA PRO A 104 8.96 -27.08 6.01
C PRO A 104 8.08 -28.32 6.30
N ASN A 105 7.53 -28.43 7.53
CA ASN A 105 6.60 -29.50 7.91
C ASN A 105 5.13 -29.00 7.86
N LEU A 106 4.88 -27.83 7.26
CA LEU A 106 3.53 -27.25 7.14
C LEU A 106 3.34 -26.53 5.79
N LEU A 107 3.12 -27.33 4.73
CA LEU A 107 2.92 -26.85 3.35
C LEU A 107 1.44 -27.04 3.07
N LEU A 108 0.69 -25.93 3.03
CA LEU A 108 -0.77 -26.00 2.90
C LEU A 108 -1.30 -25.57 1.56
N ASP A 109 -2.30 -26.30 1.05
CA ASP A 109 -2.95 -25.95 -0.21
C ASP A 109 -4.25 -25.17 0.05
N ARG A 110 -4.83 -24.64 -1.03
CA ARG A 110 -6.06 -23.87 -1.03
C ARG A 110 -7.20 -24.57 -0.28
N ASN A 111 -7.44 -25.86 -0.61
CA ASN A 111 -8.48 -26.71 -0.02
C ASN A 111 -8.33 -26.87 1.48
N GLN A 112 -7.08 -26.82 1.98
CA GLN A 112 -6.79 -26.91 3.41
C GLN A 112 -7.21 -25.63 4.14
N GLY A 113 -7.14 -24.49 3.44
CA GLY A 113 -7.57 -23.19 3.96
C GLY A 113 -9.07 -23.12 4.12
N LYS A 114 -9.81 -23.89 3.28
CA LYS A 114 -11.27 -24.00 3.30
C LYS A 114 -11.84 -24.59 4.60
N SER A 115 -10.97 -25.22 5.45
CA SER A 115 -11.34 -25.79 6.75
C SER A 115 -11.83 -24.69 7.71
N VAL A 116 -11.09 -23.56 7.78
CA VAL A 116 -11.44 -22.41 8.61
C VAL A 116 -12.26 -21.43 7.77
N GLU A 117 -13.44 -20.99 8.29
CA GLU A 117 -14.33 -20.05 7.60
C GLU A 117 -13.60 -18.72 7.31
N GLY A 118 -13.71 -18.24 6.07
CA GLY A 118 -13.10 -17.00 5.62
C GLY A 118 -11.60 -17.05 5.36
N MET A 119 -10.94 -18.16 5.72
CA MET A 119 -9.49 -18.32 5.53
C MET A 119 -9.07 -18.45 4.05
N VAL A 120 -9.91 -19.06 3.20
CA VAL A 120 -9.54 -19.28 1.80
C VAL A 120 -9.28 -17.95 1.02
N GLU A 121 -10.04 -16.88 1.36
CA GLU A 121 -9.93 -15.55 0.76
C GLU A 121 -8.55 -14.97 1.03
N ILE A 122 -8.04 -15.18 2.27
CA ILE A 122 -6.70 -14.71 2.66
C ILE A 122 -5.60 -15.56 1.96
N PHE A 123 -5.77 -16.90 1.94
CA PHE A 123 -4.85 -17.83 1.28
C PHE A 123 -4.71 -17.47 -0.22
N ASP A 124 -5.84 -17.22 -0.91
CA ASP A 124 -5.86 -16.86 -2.32
C ASP A 124 -5.07 -15.60 -2.61
N MET A 125 -5.22 -14.57 -1.76
CA MET A 125 -4.46 -13.34 -1.92
C MET A 125 -2.95 -13.61 -1.76
N LEU A 126 -2.59 -14.43 -0.75
CA LEU A 126 -1.19 -14.79 -0.47
C LEU A 126 -0.62 -15.61 -1.63
N LEU A 127 -1.41 -16.55 -2.17
CA LEU A 127 -0.99 -17.35 -3.35
C LEU A 127 -0.70 -16.47 -4.57
N ALA A 128 -1.58 -15.49 -4.85
CA ALA A 128 -1.42 -14.58 -6.00
C ALA A 128 -0.17 -13.68 -5.84
N THR A 129 0.15 -13.26 -4.61
CA THR A 129 1.33 -12.43 -4.35
C THR A 129 2.59 -13.25 -4.60
N SER A 130 2.61 -14.51 -4.12
CA SER A 130 3.72 -15.46 -4.29
C SER A 130 3.95 -15.75 -5.77
N SER A 131 2.85 -15.96 -6.51
CA SER A 131 2.90 -16.20 -7.95
C SER A 131 3.49 -14.96 -8.66
N ARG A 132 3.09 -13.74 -8.22
CA ARG A 132 3.60 -12.49 -8.74
C ARG A 132 5.13 -12.37 -8.50
N PHE A 133 5.59 -12.64 -7.27
CA PHE A 133 7.02 -12.62 -6.97
C PHE A 133 7.81 -13.65 -7.81
N ARG A 134 7.19 -14.84 -8.03
CA ARG A 134 7.78 -15.90 -8.85
C ARG A 134 7.95 -15.41 -10.31
N MET A 135 6.91 -14.79 -10.90
CA MET A 135 6.92 -14.27 -12.28
C MET A 135 7.97 -13.16 -12.48
N MET A 136 8.22 -12.40 -11.43
CA MET A 136 9.20 -11.32 -11.46
C MET A 136 10.60 -11.79 -11.08
N ASN A 137 10.72 -13.07 -10.72
CA ASN A 137 11.97 -13.65 -10.28
C ASN A 137 12.59 -12.82 -9.16
N LEU A 138 11.81 -12.57 -8.11
CA LEU A 138 12.28 -11.79 -6.97
C LEU A 138 13.52 -12.43 -6.37
N GLN A 139 14.51 -11.60 -6.06
CA GLN A 139 15.80 -12.03 -5.50
C GLN A 139 15.82 -11.82 -3.99
N GLY A 140 16.62 -12.62 -3.29
CA GLY A 140 16.77 -12.53 -1.84
C GLY A 140 17.22 -11.16 -1.35
N GLU A 141 18.15 -10.51 -2.10
CA GLU A 141 18.64 -9.17 -1.78
C GLU A 141 17.55 -8.11 -1.95
N GLU A 142 16.63 -8.31 -2.89
CA GLU A 142 15.52 -7.37 -3.10
C GLU A 142 14.45 -7.60 -2.03
N PHE A 143 14.20 -8.88 -1.70
CA PHE A 143 13.20 -9.23 -0.69
C PHE A 143 13.54 -8.57 0.65
N VAL A 144 14.82 -8.64 1.07
CA VAL A 144 15.22 -8.05 2.35
C VAL A 144 15.04 -6.52 2.31
N CYS A 145 15.23 -5.90 1.14
CA CYS A 145 15.03 -4.44 1.04
C CYS A 145 13.56 -4.10 1.21
N LEU A 146 12.69 -4.91 0.54
CA LEU A 146 11.25 -4.73 0.60
C LEU A 146 10.69 -4.88 1.99
N LYS A 147 11.20 -5.86 2.75
CA LYS A 147 10.72 -6.14 4.11
C LYS A 147 11.07 -4.98 5.06
N SER A 148 12.26 -4.39 4.90
CA SER A 148 12.68 -3.22 5.65
C SER A 148 11.83 -2.00 5.28
N ILE A 149 11.52 -1.82 3.99
CA ILE A 149 10.65 -0.74 3.54
C ILE A 149 9.29 -0.86 4.24
N ILE A 150 8.71 -2.08 4.30
CA ILE A 150 7.42 -2.29 4.98
C ILE A 150 7.48 -1.81 6.42
N LEU A 151 8.54 -2.25 7.14
CA LEU A 151 8.74 -1.87 8.53
C LEU A 151 8.77 -0.34 8.72
N LEU A 152 9.54 0.37 7.87
CA LEU A 152 9.69 1.82 8.02
C LEU A 152 8.56 2.68 7.40
N ASN A 153 7.82 2.11 6.47
CA ASN A 153 6.78 2.86 5.77
C ASN A 153 5.38 2.73 6.33
N SER A 154 4.98 1.52 6.69
CA SER A 154 3.60 1.21 7.03
C SER A 154 2.97 2.06 8.13
N GLY A 155 3.73 2.44 9.14
CA GLY A 155 3.22 3.24 10.24
C GLY A 155 3.65 4.69 10.26
N VAL A 156 4.16 5.24 9.12
CA VAL A 156 4.58 6.65 9.03
C VAL A 156 3.48 7.67 9.45
N TYR A 157 2.18 7.29 9.31
CA TYR A 157 1.04 8.13 9.70
C TYR A 157 0.15 7.41 10.72
N GLU A 168 12.00 16.34 12.24
CA GLU A 168 13.37 15.88 12.04
C GLU A 168 13.48 14.34 12.10
N GLU A 169 12.68 13.70 12.99
CA GLU A 169 12.65 12.24 13.15
C GLU A 169 11.97 11.59 11.94
N LYS A 170 10.89 12.21 11.41
CA LYS A 170 10.20 11.68 10.23
C LYS A 170 11.07 11.87 9.02
N ASP A 171 11.84 12.99 8.96
CA ASP A 171 12.77 13.22 7.86
C ASP A 171 13.87 12.15 7.89
N HIS A 172 14.29 11.73 9.10
CA HIS A 172 15.28 10.68 9.25
C HIS A 172 14.77 9.34 8.68
N ILE A 173 13.49 8.97 8.96
CA ILE A 173 12.86 7.75 8.42
C ILE A 173 12.82 7.80 6.89
N HIS A 174 12.44 8.96 6.33
CA HIS A 174 12.37 9.14 4.88
C HIS A 174 13.75 9.08 4.24
N ARG A 175 14.79 9.59 4.93
CA ARG A 175 16.17 9.50 4.44
C ARG A 175 16.63 8.01 4.46
N VAL A 176 16.23 7.24 5.49
CA VAL A 176 16.57 5.82 5.56
C VAL A 176 15.81 5.07 4.44
N LEU A 177 14.50 5.40 4.22
CA LEU A 177 13.74 4.80 3.11
C LEU A 177 14.39 5.10 1.76
N ASP A 178 14.93 6.32 1.58
CA ASP A 178 15.64 6.74 0.36
C ASP A 178 16.89 5.89 0.15
N LYS A 179 17.63 5.61 1.22
CA LYS A 179 18.83 4.76 1.20
C LYS A 179 18.47 3.32 0.76
N ILE A 180 17.33 2.78 1.22
CA ILE A 180 16.86 1.45 0.80
C ILE A 180 16.49 1.45 -0.71
N THR A 181 15.87 2.56 -1.20
CA THR A 181 15.55 2.70 -2.62
C THR A 181 16.87 2.68 -3.42
N ASP A 182 17.86 3.48 -3.02
CA ASP A 182 19.20 3.53 -3.64
C ASP A 182 19.81 2.12 -3.71
N THR A 183 19.61 1.34 -2.64
CA THR A 183 20.09 -0.03 -2.51
C THR A 183 19.38 -0.93 -3.54
N LEU A 184 18.04 -0.77 -3.69
CA LEU A 184 17.25 -1.55 -4.65
C LEU A 184 17.71 -1.28 -6.08
N ILE A 185 17.90 0.01 -6.43
CA ILE A 185 18.39 0.44 -7.74
C ILE A 185 19.77 -0.12 -8.03
N HIS A 186 20.68 -0.07 -7.04
CA HIS A 186 22.05 -0.58 -7.14
C HIS A 186 22.05 -2.06 -7.55
N LEU A 187 21.23 -2.88 -6.87
CA LEU A 187 21.06 -4.30 -7.15
C LEU A 187 20.58 -4.51 -8.59
N MET A 188 19.60 -3.71 -9.05
CA MET A 188 19.08 -3.79 -10.43
C MET A 188 20.11 -3.35 -11.48
N ALA A 189 20.87 -2.27 -11.21
CA ALA A 189 21.90 -1.80 -12.15
C ALA A 189 23.02 -2.85 -12.28
N LYS A 190 23.39 -3.48 -11.14
CA LYS A 190 24.43 -4.52 -11.15
C LYS A 190 23.93 -5.78 -11.87
N ALA A 191 22.60 -6.02 -11.86
CA ALA A 191 21.96 -7.13 -12.54
C ALA A 191 21.86 -6.90 -14.06
N GLY A 192 22.30 -5.74 -14.51
CA GLY A 192 22.36 -5.36 -15.92
C GLY A 192 21.13 -4.73 -16.52
N LEU A 193 20.23 -4.19 -15.69
CA LEU A 193 19.01 -3.56 -16.17
C LEU A 193 19.32 -2.14 -16.65
N THR A 194 18.66 -1.67 -17.74
CA THR A 194 18.82 -0.28 -18.22
C THR A 194 18.14 0.63 -17.18
N LEU A 195 18.40 1.94 -17.25
CA LEU A 195 17.79 2.94 -16.37
C LEU A 195 16.25 2.85 -16.41
N GLN A 196 15.67 2.64 -17.61
CA GLN A 196 14.21 2.50 -17.78
C GLN A 196 13.69 1.22 -17.07
N GLN A 197 14.40 0.09 -17.27
CA GLN A 197 14.07 -1.20 -16.67
C GLN A 197 14.18 -1.16 -15.15
N GLN A 198 15.11 -0.35 -14.63
CA GLN A 198 15.31 -0.16 -13.18
C GLN A 198 14.11 0.51 -12.53
N HIS A 199 13.61 1.62 -13.13
CA HIS A 199 12.46 2.37 -12.64
C HIS A 199 11.19 1.54 -12.73
N GLN A 200 11.04 0.73 -13.79
CA GLN A 200 9.90 -0.15 -14.01
C GLN A 200 9.85 -1.26 -12.96
N ARG A 201 11.00 -1.92 -12.68
CA ARG A 201 11.04 -2.98 -11.68
C ARG A 201 10.77 -2.42 -10.29
N LEU A 202 11.42 -1.28 -9.95
CA LEU A 202 11.20 -0.62 -8.68
C LEU A 202 9.70 -0.36 -8.47
N ALA A 203 9.02 0.23 -9.47
CA ALA A 203 7.60 0.51 -9.40
C ALA A 203 6.78 -0.75 -9.25
N GLN A 204 7.11 -1.83 -10.00
CA GLN A 204 6.36 -3.09 -9.92
C GLN A 204 6.46 -3.71 -8.52
N LEU A 205 7.68 -3.69 -7.92
CA LEU A 205 7.91 -4.18 -6.57
C LEU A 205 7.13 -3.33 -5.54
N LEU A 206 7.22 -2.00 -5.64
CA LEU A 206 6.53 -1.09 -4.69
C LEU A 206 5.01 -1.19 -4.80
N LEU A 207 4.48 -1.49 -6.00
CA LEU A 207 3.05 -1.66 -6.17
C LEU A 207 2.54 -2.95 -5.50
N ILE A 208 3.38 -3.99 -5.41
CA ILE A 208 3.05 -5.23 -4.69
C ILE A 208 2.89 -4.91 -3.19
N LEU A 209 3.62 -3.90 -2.66
CA LEU A 209 3.45 -3.48 -1.25
C LEU A 209 2.05 -2.97 -0.94
N SER A 210 1.34 -2.36 -1.93
CA SER A 210 -0.05 -1.94 -1.77
C SER A 210 -0.91 -3.17 -1.55
N HIS A 211 -0.66 -4.24 -2.30
N HIS A 211 -0.67 -4.26 -2.31
CA HIS A 211 -1.38 -5.52 -2.19
CA HIS A 211 -1.41 -5.51 -2.16
C HIS A 211 -1.09 -6.22 -0.86
C HIS A 211 -1.11 -6.18 -0.81
N ILE A 212 0.13 -6.09 -0.34
CA ILE A 212 0.53 -6.68 0.95
C ILE A 212 -0.19 -5.92 2.07
N ARG A 213 -0.36 -4.57 1.93
CA ARG A 213 -1.08 -3.77 2.94
C ARG A 213 -2.56 -4.23 2.97
N HIS A 214 -3.17 -4.37 1.80
CA HIS A 214 -4.54 -4.81 1.64
C HIS A 214 -4.75 -6.19 2.32
N MET A 215 -3.82 -7.14 2.10
CA MET A 215 -3.86 -8.51 2.70
C MET A 215 -3.79 -8.45 4.20
N SER A 216 -2.91 -7.59 4.70
CA SER A 216 -2.79 -7.37 6.14
C SER A 216 -4.10 -6.79 6.74
N ASN A 217 -4.76 -5.79 6.08
CA ASN A 217 -6.03 -5.22 6.59
C ASN A 217 -7.11 -6.30 6.62
N LYS A 218 -7.23 -7.09 5.54
CA LYS A 218 -8.19 -8.18 5.46
C LYS A 218 -7.88 -9.26 6.51
N GLY A 219 -6.60 -9.53 6.71
CA GLY A 219 -6.09 -10.48 7.71
C GLY A 219 -6.46 -10.06 9.11
N MET A 220 -6.27 -8.74 9.42
CA MET A 220 -6.61 -8.17 10.73
C MET A 220 -8.12 -8.21 10.97
N GLU A 221 -8.94 -7.87 9.94
CA GLU A 221 -10.40 -7.93 10.04
C GLU A 221 -10.82 -9.38 10.39
N HIS A 222 -10.28 -10.38 9.64
CA HIS A 222 -10.56 -11.80 9.85
C HIS A 222 -10.15 -12.25 11.26
N LEU A 223 -8.99 -11.79 11.72
CA LEU A 223 -8.51 -12.09 13.07
C LEU A 223 -9.47 -11.56 14.13
N TYR A 224 -10.06 -10.37 13.89
CA TYR A 224 -11.03 -9.76 14.81
C TYR A 224 -12.42 -10.41 14.76
N SER A 225 -12.72 -11.14 13.69
CA SER A 225 -14.00 -11.84 13.54
C SER A 225 -13.95 -13.22 14.26
N MET A 226 -13.13 -13.30 15.32
CA MET A 226 -12.91 -14.51 16.10
C MET A 226 -13.15 -14.29 17.59
N LYS A 227 -13.47 -15.41 18.30
CA LYS A 227 -13.77 -15.49 19.74
C LYS A 227 -12.68 -14.90 20.66
N SER A 228 -11.39 -15.25 20.42
CA SER A 228 -10.22 -14.78 21.19
C SER A 228 -10.16 -13.26 21.34
N LYS A 229 -9.77 -12.79 22.54
CA LYS A 229 -9.67 -11.37 22.89
C LYS A 229 -8.20 -10.87 22.97
N ASN A 230 -7.25 -11.70 22.51
CA ASN A 230 -5.82 -11.38 22.53
C ASN A 230 -5.07 -11.99 21.34
N VAL A 231 -5.71 -12.06 20.17
CA VAL A 231 -5.14 -12.59 18.93
C VAL A 231 -4.23 -11.59 18.20
N VAL A 232 -4.47 -10.28 18.36
CA VAL A 232 -3.62 -9.27 17.70
C VAL A 232 -2.67 -8.65 18.74
N PRO A 233 -1.35 -8.47 18.41
CA PRO A 233 -0.47 -7.78 19.36
C PRO A 233 -0.87 -6.32 19.57
N SER A 234 -1.09 -5.96 20.84
CA SER A 234 -1.45 -4.59 21.23
C SER A 234 -0.17 -3.74 21.26
N TYR A 235 -0.33 -2.42 21.37
CA TYR A 235 0.78 -1.48 21.51
C TYR A 235 1.61 -1.94 22.75
N ASP A 236 0.93 -2.20 23.89
CA ASP A 236 1.51 -2.62 25.17
C ASP A 236 2.32 -3.89 25.09
N LEU A 237 1.81 -4.93 24.40
CA LEU A 237 2.51 -6.20 24.23
C LEU A 237 3.77 -5.95 23.39
N LEU A 238 3.64 -5.16 22.32
CA LEU A 238 4.78 -4.87 21.47
C LEU A 238 5.84 -4.03 22.20
N LEU A 239 5.40 -3.13 23.10
CA LEU A 239 6.27 -2.30 23.91
C LEU A 239 7.00 -3.21 24.90
N GLU A 240 6.27 -4.18 25.47
CA GLU A 240 6.80 -5.15 26.45
C GLU A 240 7.88 -6.01 25.79
N MET A 241 7.60 -6.57 24.61
CA MET A 241 8.55 -7.38 23.83
C MET A 241 9.82 -6.60 23.45
N LEU A 242 9.66 -5.34 23.03
CA LEU A 242 10.79 -4.48 22.68
C LEU A 242 11.62 -4.13 23.89
N ASP A 243 10.96 -3.94 25.03
CA ASP A 243 11.58 -3.63 26.32
C ASP A 243 12.33 -4.85 26.84
N ALA A 244 11.69 -6.04 26.80
CA ALA A 244 12.20 -7.36 27.22
C ALA A 244 13.46 -7.76 26.43
N HIS A 245 13.52 -7.40 25.14
CA HIS A 245 14.66 -7.66 24.25
C HIS A 245 15.97 -7.08 24.84
N ARG A 246 15.90 -5.92 25.55
CA ARG A 246 17.05 -5.27 26.21
C ARG A 246 17.70 -6.20 27.24
N LEU A 247 16.88 -7.06 27.86
CA LEU A 247 17.29 -8.04 28.88
C LEU A 247 17.83 -9.35 28.27
N HIS A 248 17.73 -9.54 26.93
CA HIS A 248 18.23 -10.76 26.26
C HIS A 248 19.74 -10.76 26.17
N ALA A 249 20.36 -11.92 26.42
CA ALA A 249 21.81 -12.08 26.36
C ALA A 249 22.32 -12.09 24.90
N PRO A 250 23.53 -11.52 24.62
CA PRO A 250 24.03 -11.57 23.23
C PRO A 250 24.79 -12.86 22.90
N LEU B 6 -0.39 2.40 -25.56
CA LEU B 6 1.04 2.09 -25.56
C LEU B 6 1.85 2.86 -26.62
N SER B 7 1.18 3.55 -27.57
CA SER B 7 1.83 4.32 -28.64
C SER B 7 2.06 5.79 -28.26
N LEU B 8 1.40 6.27 -27.19
CA LEU B 8 1.49 7.65 -26.70
C LEU B 8 2.89 8.00 -26.19
N THR B 9 3.32 9.25 -26.41
CA THR B 9 4.59 9.74 -25.84
C THR B 9 4.26 10.12 -24.39
N ALA B 10 5.28 10.40 -23.55
CA ALA B 10 5.04 10.81 -22.17
C ALA B 10 4.22 12.10 -22.11
N ASP B 11 4.56 13.11 -22.96
CA ASP B 11 3.84 14.39 -23.06
C ASP B 11 2.37 14.18 -23.43
N GLN B 12 2.11 13.28 -24.39
CA GLN B 12 0.76 12.91 -24.84
C GLN B 12 -0.01 12.18 -23.74
N MET B 13 0.65 11.29 -22.97
CA MET B 13 0.03 10.55 -21.85
C MET B 13 -0.49 11.56 -20.83
N VAL B 14 0.39 12.50 -20.40
CA VAL B 14 0.09 13.59 -19.44
C VAL B 14 -1.10 14.43 -19.96
N SER B 15 -1.04 14.84 -21.25
CA SER B 15 -2.09 15.62 -21.90
C SER B 15 -3.43 14.91 -21.86
N ALA B 16 -3.46 13.62 -22.23
CA ALA B 16 -4.68 12.81 -22.21
C ALA B 16 -5.21 12.66 -20.78
N LEU B 17 -4.31 12.50 -19.78
CA LEU B 17 -4.74 12.36 -18.39
C LEU B 17 -5.32 13.66 -17.83
N LEU B 18 -4.63 14.79 -18.06
CA LEU B 18 -5.09 16.13 -17.65
C LEU B 18 -6.45 16.47 -18.27
N ASP B 19 -6.64 16.09 -19.55
CA ASP B 19 -7.86 16.33 -20.33
C ASP B 19 -9.05 15.55 -19.79
N ALA B 20 -8.80 14.32 -19.27
CA ALA B 20 -9.80 13.41 -18.73
C ALA B 20 -10.25 13.76 -17.30
N GLU B 21 -9.59 14.75 -16.69
CA GLU B 21 -9.88 15.15 -15.31
C GLU B 21 -11.35 15.47 -15.07
N PRO B 22 -11.96 14.88 -14.01
CA PRO B 22 -13.38 15.16 -13.74
C PRO B 22 -13.58 16.59 -13.23
N PRO B 23 -14.80 17.16 -13.34
CA PRO B 23 -15.02 18.51 -12.81
C PRO B 23 -15.08 18.52 -11.28
N ILE B 24 -14.88 19.71 -10.68
CA ILE B 24 -15.01 19.90 -9.24
C ILE B 24 -16.50 20.12 -8.98
N LEU B 25 -17.09 19.28 -8.13
CA LEU B 25 -18.53 19.38 -7.85
C LEU B 25 -18.80 20.17 -6.57
N TYR B 26 -20.02 20.69 -6.43
CA TYR B 26 -20.42 21.40 -5.22
C TYR B 26 -21.29 20.50 -4.36
N SER B 27 -21.30 20.75 -3.04
CA SER B 27 -22.16 20.01 -2.13
C SER B 27 -23.56 20.63 -2.27
N GLU B 28 -24.63 19.94 -1.83
CA GLU B 28 -25.98 20.53 -1.87
C GLU B 28 -25.98 21.94 -1.22
N TYR B 29 -26.74 22.90 -1.77
CA TYR B 29 -26.81 24.24 -1.16
C TYR B 29 -27.79 24.15 0.01
N ASP B 30 -27.26 24.03 1.25
CA ASP B 30 -28.07 23.87 2.46
C ASP B 30 -27.92 25.01 3.45
N ARG B 33 -26.38 27.16 8.21
CA ARG B 33 -26.25 26.89 9.65
C ARG B 33 -25.38 25.62 9.95
N PRO B 34 -24.95 25.34 11.23
CA PRO B 34 -24.05 24.18 11.50
C PRO B 34 -24.57 22.79 11.10
N PHE B 35 -23.66 21.82 11.01
CA PHE B 35 -24.02 20.48 10.59
C PHE B 35 -24.36 19.48 11.70
N SER B 36 -25.18 18.51 11.34
CA SER B 36 -25.59 17.43 12.25
C SER B 36 -24.89 16.16 11.78
N GLU B 37 -24.86 15.14 12.63
CA GLU B 37 -24.23 13.88 12.28
C GLU B 37 -24.84 13.32 11.01
N ALA B 38 -26.16 13.28 10.95
CA ALA B 38 -26.88 12.77 9.79
C ALA B 38 -26.80 13.74 8.61
N SER B 39 -26.80 15.03 8.90
CA SER B 39 -26.73 16.04 7.86
C SER B 39 -25.40 15.93 7.14
N MET B 40 -24.33 15.85 7.92
CA MET B 40 -22.98 15.74 7.38
C MET B 40 -22.80 14.43 6.63
N MET B 41 -23.27 13.30 7.19
CA MET B 41 -23.18 11.99 6.53
C MET B 41 -23.94 12.01 5.22
N GLY B 42 -25.14 12.63 5.22
CA GLY B 42 -25.98 12.79 4.05
C GLY B 42 -25.28 13.54 2.93
N LEU B 43 -24.60 14.65 3.28
CA LEU B 43 -23.84 15.47 2.33
C LEU B 43 -22.65 14.70 1.73
N LEU B 44 -21.88 13.97 2.60
CA LEU B 44 -20.71 13.18 2.18
C LEU B 44 -21.07 11.99 1.28
N THR B 45 -22.23 11.36 1.56
CA THR B 45 -22.76 10.25 0.75
C THR B 45 -23.18 10.77 -0.62
N ASN B 46 -24.02 11.82 -0.65
CA ASN B 46 -24.55 12.43 -1.88
C ASN B 46 -23.42 12.90 -2.78
N LEU B 47 -22.42 13.59 -2.20
CA LEU B 47 -21.25 14.05 -2.97
C LEU B 47 -20.48 12.89 -3.59
N ALA B 48 -20.19 11.80 -2.81
CA ALA B 48 -19.48 10.61 -3.31
C ALA B 48 -20.26 9.97 -4.48
N ASP B 49 -21.62 9.88 -4.33
CA ASP B 49 -22.48 9.32 -5.38
C ASP B 49 -22.41 10.12 -6.68
N ARG B 50 -22.37 11.46 -6.58
CA ARG B 50 -22.30 12.32 -7.77
C ARG B 50 -20.91 12.25 -8.42
N GLU B 51 -19.87 12.17 -7.58
CA GLU B 51 -18.49 12.00 -8.06
C GLU B 51 -18.28 10.66 -8.76
N LEU B 52 -19.01 9.59 -8.34
CA LEU B 52 -18.90 8.26 -8.96
C LEU B 52 -19.25 8.28 -10.43
N VAL B 53 -20.32 8.99 -10.78
CA VAL B 53 -20.80 9.09 -12.16
C VAL B 53 -19.68 9.68 -13.05
N HIS B 54 -19.04 10.74 -12.56
CA HIS B 54 -17.92 11.39 -13.26
C HIS B 54 -16.67 10.55 -13.32
N MET B 55 -16.49 9.69 -12.30
CA MET B 55 -15.38 8.77 -12.23
C MET B 55 -15.44 7.76 -13.36
N ILE B 56 -16.64 7.32 -13.72
CA ILE B 56 -16.82 6.35 -14.79
C ILE B 56 -16.36 6.94 -16.11
N ASN B 57 -16.78 8.18 -16.41
CA ASN B 57 -16.38 8.87 -17.64
C ASN B 57 -14.89 9.19 -17.68
N TRP B 58 -14.28 9.42 -16.51
CA TRP B 58 -12.84 9.59 -16.40
C TRP B 58 -12.15 8.25 -16.71
N ALA B 59 -12.64 7.15 -16.07
CA ALA B 59 -12.05 5.82 -16.23
C ALA B 59 -12.01 5.42 -17.70
N LYS B 60 -13.11 5.65 -18.44
CA LYS B 60 -13.23 5.35 -19.87
C LYS B 60 -12.21 6.11 -20.71
N ARG B 61 -11.66 7.20 -20.16
CA ARG B 61 -10.68 8.05 -20.85
C ARG B 61 -9.24 7.78 -20.39
N VAL B 62 -9.03 6.85 -19.44
CA VAL B 62 -7.68 6.48 -19.00
C VAL B 62 -7.12 5.58 -20.11
N PRO B 63 -6.02 5.97 -20.79
CA PRO B 63 -5.49 5.12 -21.89
C PRO B 63 -5.28 3.67 -21.46
N GLY B 64 -5.83 2.76 -22.25
CA GLY B 64 -5.75 1.33 -21.98
C GLY B 64 -6.95 0.73 -21.29
N PHE B 65 -7.77 1.57 -20.63
CA PHE B 65 -8.94 1.09 -19.88
C PHE B 65 -10.02 0.50 -20.77
N VAL B 66 -10.34 1.13 -21.92
CA VAL B 66 -11.37 0.60 -22.84
C VAL B 66 -10.86 -0.62 -23.64
N ASP B 67 -9.55 -0.93 -23.56
CA ASP B 67 -8.97 -2.11 -24.22
C ASP B 67 -9.36 -3.39 -23.45
N LEU B 68 -9.79 -3.20 -22.17
CA LEU B 68 -10.21 -4.26 -21.26
C LEU B 68 -11.68 -4.65 -21.48
N THR B 69 -12.02 -5.89 -21.15
CA THR B 69 -13.40 -6.41 -21.24
C THR B 69 -14.25 -5.65 -20.22
N LEU B 70 -15.57 -5.54 -20.48
CA LEU B 70 -16.49 -4.84 -19.58
C LEU B 70 -16.36 -5.37 -18.15
N HIS B 71 -16.31 -6.72 -18.01
CA HIS B 71 -16.15 -7.40 -16.72
C HIS B 71 -14.88 -6.96 -15.99
N ASP B 72 -13.73 -6.89 -16.71
CA ASP B 72 -12.45 -6.45 -16.10
C ASP B 72 -12.48 -4.99 -15.68
N GLN B 73 -13.17 -4.15 -16.47
CA GLN B 73 -13.32 -2.74 -16.15
C GLN B 73 -14.11 -2.57 -14.84
N VAL B 74 -15.21 -3.34 -14.69
CA VAL B 74 -16.05 -3.33 -13.50
C VAL B 74 -15.22 -3.72 -12.27
N HIS B 75 -14.43 -4.85 -12.35
CA HIS B 75 -13.58 -5.35 -11.24
C HIS B 75 -12.58 -4.29 -10.80
N LEU B 76 -11.95 -3.59 -11.76
CA LEU B 76 -11.00 -2.53 -11.44
C LEU B 76 -11.67 -1.36 -10.72
N LEU B 77 -12.85 -0.92 -11.19
CA LEU B 77 -13.62 0.13 -10.53
C LEU B 77 -14.14 -0.27 -9.18
N GLU B 78 -14.54 -1.54 -9.04
CA GLU B 78 -15.03 -2.06 -7.77
C GLU B 78 -13.93 -2.04 -6.68
N SER B 79 -12.69 -2.40 -7.05
CA SER B 79 -11.55 -2.35 -6.11
C SER B 79 -11.05 -0.95 -5.85
N ALA B 80 -11.04 -0.07 -6.88
CA ALA B 80 -10.41 1.24 -6.75
C ALA B 80 -11.28 2.47 -6.42
N TRP B 81 -12.64 2.42 -6.55
CA TRP B 81 -13.51 3.61 -6.44
C TRP B 81 -13.23 4.48 -5.19
N LEU B 82 -13.06 3.88 -4.01
CA LEU B 82 -12.83 4.67 -2.80
C LEU B 82 -11.42 5.23 -2.78
N GLU B 83 -10.40 4.47 -3.21
CA GLU B 83 -9.03 5.02 -3.29
C GLU B 83 -9.00 6.23 -4.24
N ILE B 84 -9.76 6.18 -5.33
CA ILE B 84 -9.85 7.29 -6.34
C ILE B 84 -10.56 8.54 -5.76
N LEU B 85 -11.69 8.35 -5.06
CA LEU B 85 -12.35 9.47 -4.40
C LEU B 85 -11.38 10.07 -3.38
N MET B 86 -10.72 9.20 -2.58
CA MET B 86 -9.81 9.69 -1.53
C MET B 86 -8.59 10.43 -2.09
N ILE B 87 -7.96 9.93 -3.16
CA ILE B 87 -6.77 10.62 -3.69
C ILE B 87 -7.16 12.00 -4.26
N GLY B 88 -8.32 12.06 -4.92
CA GLY B 88 -8.86 13.31 -5.44
C GLY B 88 -9.09 14.30 -4.31
N LEU B 89 -9.69 13.82 -3.21
CA LEU B 89 -9.95 14.62 -2.01
C LEU B 89 -8.64 15.16 -1.39
N VAL B 90 -7.65 14.28 -1.20
CA VAL B 90 -6.36 14.63 -0.59
C VAL B 90 -5.59 15.65 -1.46
N TRP B 91 -5.69 15.51 -2.77
CA TRP B 91 -5.05 16.42 -3.72
C TRP B 91 -5.61 17.86 -3.60
N ARG B 92 -6.94 18.00 -3.60
CA ARG B 92 -7.55 19.31 -3.55
C ARG B 92 -7.55 19.92 -2.14
N SER B 93 -7.21 19.13 -1.10
CA SER B 93 -7.14 19.61 0.29
C SER B 93 -5.73 20.08 0.65
N MET B 94 -4.76 19.86 -0.25
CA MET B 94 -3.33 20.20 -0.06
C MET B 94 -3.05 21.59 0.48
N GLU B 95 -3.68 22.63 -0.08
CA GLU B 95 -3.45 24.02 0.35
C GLU B 95 -4.31 24.43 1.55
N HIS B 96 -5.05 23.47 2.17
CA HIS B 96 -5.92 23.73 3.32
C HIS B 96 -5.49 22.91 4.57
N PRO B 97 -4.34 23.24 5.22
CA PRO B 97 -3.90 22.44 6.39
C PRO B 97 -4.97 22.31 7.48
N GLY B 98 -5.17 21.08 7.95
CA GLY B 98 -6.14 20.75 8.99
C GLY B 98 -7.56 20.65 8.50
N LYS B 99 -7.77 20.78 7.18
CA LYS B 99 -9.11 20.73 6.57
C LYS B 99 -9.18 19.85 5.35
N LEU B 100 -10.39 19.31 5.08
CA LEU B 100 -10.67 18.48 3.93
C LEU B 100 -11.61 19.24 3.02
N LEU B 101 -11.16 19.53 1.81
CA LEU B 101 -11.92 20.29 0.83
C LEU B 101 -12.78 19.34 0.02
N PHE B 102 -13.89 18.87 0.60
CA PHE B 102 -14.82 17.97 -0.07
C PHE B 102 -15.42 18.64 -1.29
N ALA B 103 -15.74 19.92 -1.16
CA ALA B 103 -16.28 20.74 -2.24
C ALA B 103 -15.90 22.17 -1.90
N PRO B 104 -15.93 23.16 -2.84
CA PRO B 104 -15.60 24.55 -2.46
C PRO B 104 -16.54 25.14 -1.38
N ASN B 105 -17.78 24.65 -1.31
CA ASN B 105 -18.77 25.06 -0.30
C ASN B 105 -18.85 24.01 0.86
N LEU B 106 -17.90 23.07 0.93
CA LEU B 106 -17.84 22.03 1.97
C LEU B 106 -16.38 21.73 2.40
N LEU B 107 -15.82 22.62 3.23
CA LEU B 107 -14.47 22.56 3.76
C LEU B 107 -14.61 22.17 5.22
N LEU B 108 -14.26 20.91 5.55
CA LEU B 108 -14.46 20.37 6.90
C LEU B 108 -13.20 20.15 7.70
N ASP B 109 -13.26 20.43 8.99
CA ASP B 109 -12.13 20.24 9.89
C ASP B 109 -12.27 18.91 10.67
N ARG B 110 -11.20 18.55 11.42
CA ARG B 110 -11.11 17.36 12.25
C ARG B 110 -12.30 17.23 13.20
N ASN B 111 -12.61 18.32 13.95
CA ASN B 111 -13.70 18.40 14.93
C ASN B 111 -15.05 18.12 14.31
N GLN B 112 -15.22 18.49 13.04
CA GLN B 112 -16.48 18.25 12.31
C GLN B 112 -16.65 16.74 12.01
N GLY B 113 -15.54 16.04 11.82
CA GLY B 113 -15.53 14.59 11.62
C GLY B 113 -15.94 13.82 12.86
N LYS B 114 -15.68 14.42 14.05
CA LYS B 114 -16.03 13.87 15.37
C LYS B 114 -17.55 13.74 15.60
N SER B 115 -18.39 14.36 14.71
CA SER B 115 -19.86 14.27 14.75
C SER B 115 -20.33 12.83 14.50
N VAL B 116 -19.74 12.15 13.49
CA VAL B 116 -20.03 10.75 13.16
C VAL B 116 -19.04 9.85 13.90
N GLU B 117 -19.55 8.82 14.61
CA GLU B 117 -18.72 7.87 15.36
C GLU B 117 -17.78 7.10 14.41
N GLY B 118 -16.49 7.05 14.77
CA GLY B 118 -15.44 6.39 14.01
C GLY B 118 -14.91 7.14 12.79
N MET B 119 -15.47 8.34 12.51
CA MET B 119 -15.08 9.15 11.36
C MET B 119 -13.80 9.95 11.52
N VAL B 120 -13.48 10.35 12.76
CA VAL B 120 -12.29 11.15 13.02
C VAL B 120 -11.00 10.41 12.60
N GLU B 121 -10.94 9.07 12.77
CA GLU B 121 -9.82 8.21 12.39
C GLU B 121 -9.57 8.31 10.90
N ILE B 122 -10.62 8.18 10.09
CA ILE B 122 -10.54 8.30 8.63
C ILE B 122 -10.14 9.73 8.24
N PHE B 123 -10.74 10.73 8.90
CA PHE B 123 -10.43 12.14 8.68
C PHE B 123 -8.95 12.45 8.98
N ASP B 124 -8.41 11.89 10.11
CA ASP B 124 -7.01 12.04 10.50
C ASP B 124 -6.06 11.44 9.44
N MET B 125 -6.40 10.24 8.91
CA MET B 125 -5.58 9.58 7.89
C MET B 125 -5.54 10.42 6.58
N LEU B 126 -6.72 10.93 6.16
CA LEU B 126 -6.82 11.75 4.95
C LEU B 126 -6.05 13.06 5.10
N LEU B 127 -6.13 13.70 6.29
CA LEU B 127 -5.37 14.92 6.58
C LEU B 127 -3.86 14.70 6.50
N ALA B 128 -3.35 13.58 7.08
CA ALA B 128 -1.93 13.22 7.07
C ALA B 128 -1.42 12.95 5.65
N THR B 129 -2.26 12.35 4.80
CA THR B 129 -1.88 12.07 3.40
C THR B 129 -1.74 13.38 2.64
N SER B 130 -2.69 14.30 2.83
CA SER B 130 -2.72 15.64 2.21
C SER B 130 -1.48 16.44 2.64
N SER B 131 -1.16 16.38 3.92
CA SER B 131 0.04 17.03 4.49
C SER B 131 1.30 16.44 3.86
N ARG B 132 1.34 15.11 3.66
CA ARG B 132 2.44 14.42 2.99
C ARG B 132 2.60 14.89 1.54
N PHE B 133 1.50 14.93 0.76
CA PHE B 133 1.55 15.44 -0.61
C PHE B 133 2.01 16.91 -0.67
N ARG B 134 1.56 17.72 0.31
CA ARG B 134 1.95 19.12 0.42
C ARG B 134 3.49 19.25 0.64
N MET B 135 4.05 18.46 1.59
CA MET B 135 5.49 18.45 1.92
C MET B 135 6.36 18.01 0.73
N MET B 136 5.85 17.08 -0.09
CA MET B 136 6.53 16.56 -1.28
C MET B 136 6.35 17.47 -2.48
N ASN B 137 5.47 18.47 -2.35
CA ASN B 137 5.08 19.41 -3.41
C ASN B 137 4.55 18.61 -4.61
N LEU B 138 3.59 17.72 -4.37
CA LEU B 138 2.99 16.93 -5.45
C LEU B 138 2.44 17.86 -6.55
N GLN B 139 2.76 17.54 -7.81
CA GLN B 139 2.35 18.31 -9.00
C GLN B 139 1.12 17.66 -9.62
N GLY B 140 0.33 18.47 -10.33
CA GLY B 140 -0.88 18.02 -11.00
C GLY B 140 -0.63 16.91 -12.01
N GLU B 141 0.49 17.00 -12.75
CA GLU B 141 0.88 15.98 -13.74
C GLU B 141 1.24 14.66 -13.08
N GLU B 142 1.81 14.70 -11.86
CA GLU B 142 2.15 13.48 -11.13
C GLU B 142 0.89 12.90 -10.50
N PHE B 143 -0.01 13.76 -9.99
CA PHE B 143 -1.25 13.32 -9.36
C PHE B 143 -2.07 12.49 -10.35
N VAL B 144 -2.22 13.01 -11.60
CA VAL B 144 -3.02 12.28 -12.60
C VAL B 144 -2.38 10.92 -12.93
N CYS B 145 -1.04 10.82 -12.87
CA CYS B 145 -0.37 9.54 -13.13
C CYS B 145 -0.69 8.56 -12.02
N LEU B 146 -0.62 9.06 -10.78
CA LEU B 146 -0.88 8.26 -9.58
C LEU B 146 -2.31 7.73 -9.55
N LYS B 147 -3.30 8.56 -9.97
CA LYS B 147 -4.71 8.17 -9.93
C LYS B 147 -4.98 7.06 -10.96
N SER B 148 -4.31 7.13 -12.13
CA SER B 148 -4.42 6.11 -13.16
C SER B 148 -3.77 4.81 -12.67
N ILE B 149 -2.62 4.90 -11.98
CA ILE B 149 -1.96 3.73 -11.42
C ILE B 149 -2.93 3.04 -10.44
N ILE B 150 -3.60 3.80 -9.56
CA ILE B 150 -4.57 3.21 -8.61
C ILE B 150 -5.64 2.42 -9.36
N LEU B 151 -6.23 3.02 -10.39
CA LEU B 151 -7.27 2.39 -11.20
C LEU B 151 -6.81 1.06 -11.78
N LEU B 152 -5.64 1.04 -12.40
CA LEU B 152 -5.15 -0.17 -13.06
C LEU B 152 -4.54 -1.21 -12.09
N ASN B 153 -3.99 -0.78 -10.96
CA ASN B 153 -3.29 -1.66 -10.02
C ASN B 153 -4.13 -2.33 -8.96
N SER B 154 -5.03 -1.58 -8.33
CA SER B 154 -5.76 -2.01 -7.15
C SER B 154 -6.51 -3.33 -7.28
N GLY B 155 -7.11 -3.59 -8.43
CA GLY B 155 -7.87 -4.82 -8.66
C GLY B 155 -7.18 -5.81 -9.58
N VAL B 156 -5.90 -5.53 -9.94
CA VAL B 156 -5.12 -6.36 -10.87
C VAL B 156 -5.00 -7.80 -10.40
N LYS B 165 -5.19 -18.69 -18.98
CA LYS B 165 -5.81 -18.53 -20.30
C LYS B 165 -5.73 -17.08 -20.79
N SER B 166 -6.18 -16.12 -19.95
CA SER B 166 -6.20 -14.68 -20.25
C SER B 166 -5.01 -13.96 -19.59
N LEU B 167 -3.78 -14.50 -19.83
CA LEU B 167 -2.54 -13.93 -19.30
C LEU B 167 -2.13 -12.69 -20.09
N GLU B 168 -2.50 -12.64 -21.40
CA GLU B 168 -2.20 -11.55 -22.33
C GLU B 168 -2.84 -10.22 -21.90
N GLU B 169 -4.05 -10.28 -21.31
CA GLU B 169 -4.78 -9.11 -20.81
C GLU B 169 -4.08 -8.54 -19.58
N LYS B 170 -3.59 -9.43 -18.68
CA LYS B 170 -2.87 -9.08 -17.45
C LYS B 170 -1.53 -8.43 -17.82
N ASP B 171 -0.88 -8.95 -18.89
CA ASP B 171 0.38 -8.41 -19.40
C ASP B 171 0.15 -7.02 -19.99
N HIS B 172 -1.02 -6.81 -20.65
CA HIS B 172 -1.37 -5.51 -21.20
C HIS B 172 -1.49 -4.45 -20.10
N ILE B 173 -2.16 -4.78 -18.97
CA ILE B 173 -2.32 -3.88 -17.81
C ILE B 173 -0.93 -3.51 -17.25
N HIS B 174 -0.02 -4.50 -17.13
CA HIS B 174 1.32 -4.28 -16.62
C HIS B 174 2.16 -3.43 -17.57
N ARG B 175 1.96 -3.59 -18.89
CA ARG B 175 2.64 -2.76 -19.88
C ARG B 175 2.12 -1.29 -19.79
N VAL B 176 0.80 -1.10 -19.55
CA VAL B 176 0.24 0.24 -19.37
C VAL B 176 0.79 0.84 -18.05
N LEU B 177 0.85 0.04 -16.97
CA LEU B 177 1.43 0.53 -15.70
C LEU B 177 2.90 0.95 -15.88
N ASP B 178 3.67 0.21 -16.70
CA ASP B 178 5.06 0.53 -17.04
C ASP B 178 5.16 1.87 -17.78
N LYS B 179 4.22 2.13 -18.70
CA LYS B 179 4.15 3.38 -19.47
C LYS B 179 3.86 4.56 -18.53
N ILE B 180 3.02 4.37 -17.48
CA ILE B 180 2.75 5.42 -16.49
C ILE B 180 4.02 5.69 -15.64
N THR B 181 4.80 4.63 -15.32
CA THR B 181 6.07 4.80 -14.59
C THR B 181 7.03 5.65 -15.44
N ASP B 182 7.18 5.31 -16.75
CA ASP B 182 8.00 6.04 -17.70
C ASP B 182 7.60 7.53 -17.73
N THR B 183 6.28 7.77 -17.70
CA THR B 183 5.67 9.09 -17.71
C THR B 183 6.05 9.84 -16.44
N LEU B 184 5.99 9.18 -15.26
CA LEU B 184 6.36 9.79 -13.97
C LEU B 184 7.82 10.22 -13.96
N ILE B 185 8.72 9.33 -14.43
CA ILE B 185 10.16 9.61 -14.51
C ILE B 185 10.44 10.79 -15.45
N HIS B 186 9.75 10.81 -16.61
CA HIS B 186 9.90 11.87 -17.62
C HIS B 186 9.61 13.24 -17.01
N LEU B 187 8.48 13.34 -16.28
CA LEU B 187 8.07 14.57 -15.58
C LEU B 187 9.13 15.01 -14.58
N MET B 188 9.71 14.06 -13.80
CA MET B 188 10.76 14.37 -12.84
C MET B 188 12.08 14.80 -13.50
N ALA B 189 12.46 14.15 -14.63
CA ALA B 189 13.69 14.52 -15.36
C ALA B 189 13.54 15.92 -15.97
N LYS B 190 12.34 16.23 -16.50
CA LYS B 190 12.05 17.55 -17.08
C LYS B 190 12.02 18.62 -15.98
N ALA B 191 11.64 18.23 -14.73
CA ALA B 191 11.62 19.13 -13.57
C ALA B 191 13.03 19.40 -13.02
N GLY B 192 14.04 18.77 -13.63
CA GLY B 192 15.44 18.97 -13.29
C GLY B 192 16.02 18.10 -12.20
N LEU B 193 15.33 16.98 -11.85
CA LEU B 193 15.82 16.08 -10.81
C LEU B 193 16.95 15.22 -11.36
N THR B 194 17.97 14.90 -10.52
CA THR B 194 19.06 14.00 -10.91
C THR B 194 18.45 12.59 -11.03
N LEU B 195 19.17 11.67 -11.66
CA LEU B 195 18.77 10.26 -11.80
C LEU B 195 18.48 9.63 -10.43
N GLN B 196 19.31 9.95 -9.42
CA GLN B 196 19.10 9.45 -8.05
C GLN B 196 17.80 10.00 -7.42
N GLN B 197 17.59 11.33 -7.57
CA GLN B 197 16.40 12.03 -7.07
C GLN B 197 15.13 11.54 -7.73
N GLN B 198 15.23 11.10 -8.99
CA GLN B 198 14.10 10.56 -9.76
C GLN B 198 13.58 9.24 -9.14
N HIS B 199 14.50 8.28 -8.83
CA HIS B 199 14.08 7.00 -8.28
C HIS B 199 13.58 7.16 -6.85
N GLN B 200 14.18 8.10 -6.10
CA GLN B 200 13.77 8.41 -4.73
C GLN B 200 12.35 8.96 -4.67
N ARG B 201 12.03 9.94 -5.55
CA ARG B 201 10.70 10.51 -5.60
C ARG B 201 9.67 9.48 -6.07
N LEU B 202 10.03 8.69 -7.10
CA LEU B 202 9.13 7.65 -7.60
C LEU B 202 8.73 6.71 -6.45
N ALA B 203 9.72 6.24 -5.69
CA ALA B 203 9.48 5.38 -4.53
C ALA B 203 8.61 6.05 -3.48
N GLN B 204 8.90 7.32 -3.08
N GLN B 204 8.90 7.32 -3.11
CA GLN B 204 8.10 8.00 -2.05
CA GLN B 204 8.13 8.07 -2.11
C GLN B 204 6.64 8.18 -2.49
C GLN B 204 6.66 8.16 -2.51
N LEU B 205 6.39 8.51 -3.78
CA LEU B 205 5.02 8.61 -4.33
C LEU B 205 4.29 7.24 -4.30
N LEU B 206 4.98 6.18 -4.79
CA LEU B 206 4.37 4.84 -4.81
C LEU B 206 4.10 4.28 -3.42
N LEU B 207 4.94 4.65 -2.44
CA LEU B 207 4.72 4.22 -1.05
C LEU B 207 3.47 4.86 -0.44
N ILE B 208 3.12 6.10 -0.86
CA ILE B 208 1.89 6.76 -0.42
C ILE B 208 0.66 5.99 -0.92
N LEU B 209 0.77 5.28 -2.07
CA LEU B 209 -0.33 4.43 -2.56
C LEU B 209 -0.69 3.28 -1.60
N SER B 210 0.31 2.76 -0.83
CA SER B 210 0.05 1.76 0.19
C SER B 210 -0.84 2.38 1.28
N HIS B 211 -0.58 3.68 1.64
CA HIS B 211 -1.39 4.36 2.67
C HIS B 211 -2.82 4.63 2.16
N ILE B 212 -2.94 4.94 0.87
CA ILE B 212 -4.24 5.19 0.26
C ILE B 212 -5.07 3.89 0.23
N ARG B 213 -4.40 2.73 -0.03
CA ARG B 213 -5.09 1.42 0.01
C ARG B 213 -5.62 1.16 1.44
N HIS B 214 -4.76 1.39 2.43
CA HIS B 214 -5.08 1.20 3.85
C HIS B 214 -6.32 2.07 4.23
N MET B 215 -6.35 3.35 3.81
CA MET B 215 -7.46 4.30 4.10
C MET B 215 -8.74 3.81 3.47
N SER B 216 -8.65 3.33 2.23
CA SER B 216 -9.80 2.74 1.57
C SER B 216 -10.35 1.51 2.33
N ASN B 217 -9.47 0.56 2.80
CA ASN B 217 -9.91 -0.62 3.57
C ASN B 217 -10.59 -0.20 4.85
N LYS B 218 -10.00 0.76 5.58
CA LYS B 218 -10.58 1.28 6.82
C LYS B 218 -11.93 1.95 6.55
N GLY B 219 -11.99 2.71 5.45
CA GLY B 219 -13.20 3.37 4.99
C GLY B 219 -14.32 2.39 4.69
N MET B 220 -14.01 1.32 3.92
CA MET B 220 -14.98 0.24 3.60
C MET B 220 -15.50 -0.36 4.91
N GLU B 221 -14.57 -0.73 5.83
CA GLU B 221 -14.92 -1.30 7.15
C GLU B 221 -15.94 -0.39 7.84
N HIS B 222 -15.65 0.92 7.88
CA HIS B 222 -16.53 1.94 8.48
C HIS B 222 -17.90 2.05 7.78
N LEU B 223 -17.92 1.96 6.44
CA LEU B 223 -19.16 2.03 5.64
C LEU B 223 -20.05 0.81 5.91
N TYR B 224 -19.43 -0.37 6.19
CA TYR B 224 -20.16 -1.60 6.49
C TYR B 224 -20.73 -1.63 7.91
N SER B 225 -20.23 -0.75 8.83
CA SER B 225 -20.73 -0.63 10.20
C SER B 225 -22.14 -0.02 10.25
N ASN B 230 -26.48 -1.21 1.53
CA ASN B 230 -25.77 -1.20 0.26
C ASN B 230 -25.18 0.17 -0.02
N VAL B 231 -24.25 0.59 0.84
CA VAL B 231 -23.60 1.88 0.69
C VAL B 231 -22.45 1.79 -0.31
N VAL B 232 -21.99 0.58 -0.56
CA VAL B 232 -20.90 0.33 -1.51
C VAL B 232 -21.47 0.03 -2.90
N PRO B 233 -20.92 0.67 -3.94
CA PRO B 233 -21.41 0.44 -5.29
C PRO B 233 -21.29 -1.01 -5.75
N SER B 234 -22.42 -1.56 -6.18
CA SER B 234 -22.53 -2.94 -6.66
C SER B 234 -21.93 -3.09 -8.06
N TYR B 235 -21.67 -4.35 -8.42
CA TYR B 235 -21.20 -4.79 -9.74
C TYR B 235 -22.14 -4.27 -10.83
N ASP B 236 -23.45 -4.51 -10.63
CA ASP B 236 -24.54 -4.14 -11.56
C ASP B 236 -24.64 -2.65 -11.83
N LEU B 237 -24.54 -1.82 -10.77
CA LEU B 237 -24.59 -0.37 -10.94
C LEU B 237 -23.39 0.09 -11.75
N LEU B 238 -22.18 -0.37 -11.36
CA LEU B 238 -20.91 -0.06 -12.04
C LEU B 238 -20.96 -0.49 -13.51
N LEU B 239 -21.53 -1.69 -13.77
CA LEU B 239 -21.73 -2.23 -15.12
C LEU B 239 -22.68 -1.36 -15.94
N GLU B 240 -23.82 -0.94 -15.34
CA GLU B 240 -24.83 -0.10 -16.02
C GLU B 240 -24.24 1.25 -16.41
N MET B 241 -23.49 1.88 -15.47
CA MET B 241 -22.82 3.17 -15.69
C MET B 241 -21.74 3.05 -16.76
N LEU B 242 -20.99 1.92 -16.75
CA LEU B 242 -19.95 1.68 -17.74
C LEU B 242 -20.51 1.40 -19.13
N ASP B 243 -21.62 0.63 -19.20
CA ASP B 243 -22.27 0.31 -20.47
C ASP B 243 -23.07 1.52 -20.93
N ALA B 244 -22.38 2.45 -21.65
CA ALA B 244 -22.94 3.70 -22.18
C ALA B 244 -22.05 4.28 -23.28
C1 GZI C . -1.89 -15.45 12.07
C2 GZI C . -2.51 -16.46 11.32
C3 GZI C . -3.46 -17.22 11.97
C7 GZI C . -0.67 -13.66 16.14
C8 GZI C . 0.21 -12.59 18.14
C9 GZI C . 0.15 -12.68 19.66
C10 GZI C . -0.89 -11.80 20.27
C11 GZI C . -2.12 -16.70 9.85
C12 GZI C . -0.64 -16.79 9.66
C13 GZI C . 0.06 -16.17 8.67
C14 GZI C . 1.44 -16.54 8.86
C15 GZI C . 2.63 -16.23 8.20
C16 GZI C . 3.82 -16.76 8.66
C19 GZI C . 1.49 -17.37 9.99
C20 GZI C . -0.60 -15.31 7.65
C21 GZI C . -2.10 -15.60 7.63
C22 GZI C . -4.15 -15.68 8.93
C24 GZI C . -4.23 -13.19 9.24
O1 GZI C . -6.80 -14.24 8.47
C25 GZI C . -6.28 -14.55 9.50
O2 GZI C . -6.93 -14.94 10.56
C23 GZI C . -4.78 -14.54 9.71
N3 GZI C . -2.67 -15.63 8.99
C26 GZI C . -2.41 -16.87 6.84
C18 GZI C . 2.69 -17.90 10.46
C17 GZI C . 3.86 -17.59 9.77
N2 GZI C . 0.20 -17.53 10.46
F1 GZI C . -4.07 -18.21 11.27
C4 GZI C . -3.78 -17.01 13.27
N GZI C . -3.21 -16.06 14.01
C5 GZI C . -2.29 -15.32 13.42
C GZI C . -0.84 -14.57 11.46
O GZI C . -1.68 -14.35 14.11
C6 GZI C . -1.87 -14.31 15.53
N1 GZI C . -0.94 -13.23 17.51
F GZI C . -0.50 -10.48 20.18
C1 GZI D . -18.20 8.16 1.36
C2 GZI D . -18.04 8.96 2.50
C3 GZI D . -19.11 9.01 3.38
C7 GZI D . -20.85 5.68 -1.56
C8 GZI D . -22.08 4.29 -3.17
C9 GZI D . -23.40 3.61 -3.45
C10 GZI D . -23.87 3.79 -4.86
C11 GZI D . -16.77 9.76 2.74
C12 GZI D . -16.37 10.53 1.52
C13 GZI D . -15.11 10.65 1.03
C14 GZI D . -15.19 11.48 -0.15
C15 GZI D . -14.27 11.96 -1.07
C16 GZI D . -14.69 12.76 -2.11
C19 GZI D . -16.55 11.83 -0.30
C20 GZI D . -13.94 9.99 1.69
C21 GZI D . -14.33 9.58 3.11
C22 GZI D . -15.88 8.28 4.47
C24 GZI D . -15.30 5.97 3.65
O1 GZI D . -17.82 6.09 6.07
C25 GZI D . -16.69 6.25 5.67
O2 GZI D . -15.64 5.96 6.36
C23 GZI D . -16.37 6.84 4.31
N3 GZI D . -15.64 8.91 3.15
C26 GZI D . -14.28 10.76 4.06
C18 GZI D . -16.98 12.63 -1.35
C17 GZI D . -16.03 13.10 -2.26
N2 GZI D . -17.26 11.23 0.73
F1 GZI D . -18.98 9.78 4.49
C4 GZI D . -20.25 8.31 3.17
N GZI D . -20.43 7.54 2.09
C5 GZI D . -19.44 7.47 1.23
C GZI D . -17.11 8.04 0.33
O GZI D . -19.56 6.71 0.13
C6 GZI D . -20.87 6.22 -0.18
N1 GZI D . -22.04 4.86 -1.82
F GZI D . -23.22 2.90 -5.69
#